data_7QVU
#
_entry.id   7QVU
#
_cell.length_a   95.772
_cell.length_b   95.772
_cell.length_c   33.135
_cell.angle_alpha   90.000
_cell.angle_beta   90.000
_cell.angle_gamma   120.000
#
_symmetry.space_group_name_H-M   'P 31 2 1'
#
loop_
_entity.id
_entity.type
_entity.pdbx_description
1 polymer 'Bromodomain adjacent to zinc finger domain protein 2A'
2 non-polymer 2-[4-(4-ethanoyl-3-ethyl-5-methyl-1~{H}-pyrrol-2-yl)-1,3-thiazol-2-yl]guanidine
3 non-polymer 'MAGNESIUM ION'
4 water water
#
_entity_poly.entity_id   1
_entity_poly.type   'polypeptide(L)'
_entity_poly.pdbx_seq_one_letter_code
;SMHSDLTFCEIILMEMESHDAAWPFLEPVNPRLVSGYRRIIKNPMDFSTMRERLLRGGYTSSEEFAADALLVFDNCQTFN
EDDSEVGKAGHIMRRFFESRWEEFY
;
_entity_poly.pdbx_strand_id   A
#
# COMPACT_ATOMS: atom_id res chain seq x y z
N MET A 2 20.29 3.79 -1.42
CA MET A 2 20.54 4.79 -2.45
C MET A 2 19.66 6.02 -2.28
N HIS A 3 20.21 7.19 -2.58
CA HIS A 3 19.36 8.38 -2.70
C HIS A 3 18.37 8.19 -3.84
N SER A 4 18.83 7.66 -4.97
CA SER A 4 17.94 7.46 -6.11
C SER A 4 16.93 6.36 -5.85
N ASP A 5 17.35 5.27 -5.21
CA ASP A 5 16.41 4.18 -4.94
C ASP A 5 15.22 4.68 -4.12
N LEU A 6 15.48 5.57 -3.15
CA LEU A 6 14.41 6.04 -2.29
C LEU A 6 13.84 7.39 -2.70
N THR A 7 14.55 8.18 -3.48
CA THR A 7 13.91 9.33 -4.11
C THR A 7 12.77 8.87 -5.02
N PHE A 8 12.89 7.70 -5.62
CA PHE A 8 11.81 7.14 -6.50
C PHE A 8 10.66 6.60 -5.66
N CYS A 9 10.95 6.01 -4.51
CA CYS A 9 9.86 5.54 -3.66
C CYS A 9 8.99 6.70 -3.19
N GLU A 10 9.56 7.89 -3.07
CA GLU A 10 8.75 9.05 -2.78
C GLU A 10 7.80 9.34 -3.93
N ILE A 11 8.32 9.37 -5.16
CA ILE A 11 7.51 9.72 -6.32
C ILE A 11 6.27 8.84 -6.38
N ILE A 12 6.47 7.52 -6.27
CA ILE A 12 5.40 6.57 -6.48
C ILE A 12 4.42 6.58 -5.31
N LEU A 13 4.92 6.69 -4.08
CA LEU A 13 4.03 6.79 -2.92
C LEU A 13 3.16 8.04 -3.00
N MET A 14 3.74 9.19 -3.38
CA MET A 14 2.94 10.38 -3.63
CA MET A 14 2.91 10.37 -3.61
C MET A 14 1.91 10.13 -4.72
N GLU A 15 2.30 9.38 -5.77
CA GLU A 15 1.36 9.10 -6.84
C GLU A 15 0.27 8.14 -6.37
N MET A 16 0.61 7.15 -5.53
CA MET A 16 -0.46 6.36 -4.92
C MET A 16 -1.26 7.20 -3.93
N GLU A 17 -0.60 8.02 -3.11
CA GLU A 17 -1.35 8.82 -2.13
C GLU A 17 -2.40 9.70 -2.81
N SER A 18 -2.19 10.06 -4.07
CA SER A 18 -3.06 10.97 -4.78
C SER A 18 -3.92 10.32 -5.85
N HIS A 19 -3.77 9.01 -6.05
CA HIS A 19 -4.56 8.28 -7.04
C HIS A 19 -6.05 8.28 -6.67
N ASP A 20 -6.90 8.36 -7.70
CA ASP A 20 -8.35 8.32 -7.51
C ASP A 20 -8.80 7.09 -6.73
N ALA A 21 -8.13 5.96 -6.95
CA ALA A 21 -8.52 4.69 -6.32
C ALA A 21 -7.89 4.47 -4.95
N ALA A 22 -7.20 5.48 -4.40
CA ALA A 22 -6.39 5.27 -3.20
C ALA A 22 -7.20 5.30 -1.91
N TRP A 23 -8.48 5.68 -1.97
CA TRP A 23 -9.22 5.92 -0.73
C TRP A 23 -9.24 4.75 0.27
N PRO A 24 -9.23 3.46 -0.10
CA PRO A 24 -9.25 2.41 0.95
C PRO A 24 -7.99 2.33 1.76
N PHE A 25 -6.93 2.99 1.32
CA PHE A 25 -5.58 2.70 1.76
C PHE A 25 -4.85 3.89 2.35
N LEU A 26 -5.50 5.05 2.43
CA LEU A 26 -4.85 6.23 2.97
C LEU A 26 -4.60 6.08 4.46
N GLU A 27 -5.50 5.41 5.16
CA GLU A 27 -5.48 5.24 6.61
C GLU A 27 -5.48 3.76 6.98
N PRO A 28 -4.98 3.40 8.17
CA PRO A 28 -5.14 2.01 8.64
C PRO A 28 -6.60 1.62 8.78
N VAL A 29 -6.87 0.36 8.51
CA VAL A 29 -8.21 -0.16 8.70
C VAL A 29 -8.54 -0.13 10.19
N ASN A 30 -9.73 0.33 10.51
CA ASN A 30 -10.13 0.38 11.90
C ASN A 30 -10.76 -0.96 12.30
N PRO A 31 -10.05 -1.81 13.02
CA PRO A 31 -10.61 -3.14 13.34
C PRO A 31 -11.87 -3.06 14.17
N ARG A 32 -12.08 -1.95 14.91
CA ARG A 32 -13.32 -1.80 15.64
C ARG A 32 -14.51 -1.74 14.71
N LEU A 33 -14.30 -1.24 13.49
CA LEU A 33 -15.36 -1.06 12.52
C LEU A 33 -15.45 -2.18 11.49
N VAL A 34 -14.45 -3.06 11.41
CA VAL A 34 -14.41 -4.11 10.40
C VAL A 34 -14.35 -5.45 11.13
N SER A 35 -15.50 -6.08 11.30
CA SER A 35 -15.55 -7.36 11.97
C SER A 35 -14.66 -8.37 11.23
N GLY A 36 -13.82 -9.07 11.99
CA GLY A 36 -12.96 -10.10 11.46
C GLY A 36 -11.59 -9.67 11.02
N TYR A 37 -11.33 -8.36 10.91
CA TYR A 37 -10.09 -7.90 10.29
C TYR A 37 -8.86 -8.26 11.11
N ARG A 38 -8.92 -8.02 12.42
CA ARG A 38 -7.82 -8.35 13.32
CA ARG A 38 -7.77 -8.35 13.24
C ARG A 38 -7.50 -9.84 13.24
N ARG A 39 -8.56 -10.67 13.30
CA ARG A 39 -8.39 -12.11 13.26
C ARG A 39 -7.71 -12.58 11.98
N ILE A 40 -8.09 -12.02 10.83
CA ILE A 40 -7.62 -12.55 9.53
C ILE A 40 -6.29 -11.93 9.09
N ILE A 41 -6.13 -10.62 9.22
CA ILE A 41 -4.96 -9.92 8.68
C ILE A 41 -3.91 -9.78 9.78
N LYS A 42 -2.84 -10.56 9.67
CA LYS A 42 -1.82 -10.53 10.70
C LYS A 42 -1.01 -9.23 10.66
N ASN A 43 -0.61 -8.78 9.47
CA ASN A 43 0.30 -7.64 9.33
C ASN A 43 -0.36 -6.54 8.50
N PRO A 44 -1.15 -5.68 9.14
CA PRO A 44 -1.77 -4.57 8.40
C PRO A 44 -0.74 -3.58 7.86
N MET A 45 -1.12 -2.90 6.78
CA MET A 45 -0.27 -1.92 6.12
C MET A 45 -1.16 -0.98 5.34
N ASP A 46 -0.70 0.26 5.17
CA ASP A 46 -1.47 1.30 4.51
C ASP A 46 -0.51 2.40 4.09
N PHE A 47 -1.03 3.38 3.35
CA PHE A 47 -0.14 4.37 2.74
C PHE A 47 0.40 5.35 3.77
N SER A 48 -0.43 5.76 4.72
CA SER A 48 0.04 6.70 5.73
C SER A 48 1.15 6.08 6.57
N THR A 49 1.12 4.75 6.72
CA THR A 49 2.11 4.06 7.52
C THR A 49 3.44 3.98 6.77
N MET A 50 3.39 3.71 5.46
CA MET A 50 4.59 3.77 4.64
C MET A 50 5.14 5.18 4.58
N ARG A 51 4.25 6.18 4.50
CA ARG A 51 4.66 7.57 4.45
C ARG A 51 5.41 7.95 5.71
N GLU A 52 4.84 7.60 6.87
CA GLU A 52 5.54 7.79 8.12
C GLU A 52 6.91 7.13 8.08
N ARG A 53 6.95 5.82 7.80
CA ARG A 53 8.22 5.09 7.79
C ARG A 53 9.22 5.69 6.79
N LEU A 54 8.74 6.13 5.63
CA LEU A 54 9.64 6.67 4.62
C LEU A 54 10.21 8.03 5.03
N LEU A 55 9.36 8.91 5.56
CA LEU A 55 9.86 10.19 6.03
C LEU A 55 10.91 9.98 7.12
N ARG A 56 10.63 9.04 8.03
CA ARG A 56 11.49 8.70 9.15
C ARG A 56 12.82 8.11 8.71
N GLY A 57 13.00 7.80 7.44
CA GLY A 57 14.18 7.06 7.02
C GLY A 57 14.13 5.58 7.34
N GLY A 58 12.96 5.06 7.72
CA GLY A 58 12.80 3.68 8.15
C GLY A 58 12.89 2.63 7.06
N TYR A 59 13.18 3.03 5.83
CA TYR A 59 13.49 2.08 4.76
C TYR A 59 14.96 2.17 4.45
N THR A 60 15.63 1.02 4.35
CA THR A 60 17.03 0.96 3.93
C THR A 60 17.20 0.67 2.45
N SER A 61 16.31 -0.14 1.87
CA SER A 61 16.37 -0.45 0.45
C SER A 61 14.99 -0.20 -0.16
N SER A 62 14.97 -0.06 -1.49
CA SER A 62 13.69 0.03 -2.19
C SER A 62 12.91 -1.28 -2.12
N GLU A 63 13.59 -2.40 -1.87
CA GLU A 63 12.90 -3.67 -1.74
C GLU A 63 11.97 -3.67 -0.53
N GLU A 64 12.44 -3.13 0.60
CA GLU A 64 11.61 -3.01 1.80
C GLU A 64 10.36 -2.20 1.52
N PHE A 65 10.53 -1.06 0.85
CA PHE A 65 9.39 -0.24 0.46
C PHE A 65 8.43 -1.06 -0.38
N ALA A 66 8.95 -1.77 -1.37
CA ALA A 66 8.09 -2.55 -2.24
C ALA A 66 7.37 -3.64 -1.46
N ALA A 67 8.03 -4.25 -0.49
CA ALA A 67 7.36 -5.25 0.32
C ALA A 67 6.14 -4.66 1.03
N ASP A 68 6.27 -3.44 1.56
CA ASP A 68 5.16 -2.81 2.27
C ASP A 68 4.02 -2.49 1.33
N ALA A 69 4.35 -2.05 0.10
CA ALA A 69 3.32 -1.79 -0.90
C ALA A 69 2.61 -3.07 -1.31
N LEU A 70 3.37 -4.12 -1.59
CA LEU A 70 2.74 -5.37 -1.95
C LEU A 70 1.87 -5.91 -0.82
N LEU A 71 2.24 -5.61 0.42
CA LEU A 71 1.46 -6.13 1.54
C LEU A 71 0.11 -5.45 1.64
N VAL A 72 0.02 -4.17 1.28
CA VAL A 72 -1.27 -3.49 1.25
C VAL A 72 -2.24 -4.26 0.35
N PHE A 73 -1.77 -4.70 -0.82
CA PHE A 73 -2.66 -5.32 -1.79
C PHE A 73 -2.88 -6.80 -1.52
N ASP A 74 -1.87 -7.51 -1.02
CA ASP A 74 -2.08 -8.87 -0.52
C ASP A 74 -3.18 -8.88 0.55
N ASN A 75 -3.06 -8.04 1.58
CA ASN A 75 -4.08 -7.99 2.63
C ASN A 75 -5.43 -7.62 2.08
N CYS A 76 -5.46 -6.76 1.06
CA CYS A 76 -6.72 -6.38 0.41
C CYS A 76 -7.40 -7.59 -0.22
N GLN A 77 -6.68 -8.29 -1.11
CA GLN A 77 -7.22 -9.49 -1.73
C GLN A 77 -7.43 -10.62 -0.73
N THR A 78 -6.68 -10.65 0.38
CA THR A 78 -7.01 -11.66 1.38
C THR A 78 -8.39 -11.40 1.96
N PHE A 79 -8.70 -10.15 2.26
CA PHE A 79 -9.89 -9.85 3.03
C PHE A 79 -11.14 -9.55 2.19
N ASN A 80 -10.99 -8.88 1.06
CA ASN A 80 -12.15 -8.40 0.33
C ASN A 80 -12.34 -9.23 -0.93
N GLU A 81 -13.60 -9.50 -1.26
CA GLU A 81 -13.89 -10.12 -2.55
C GLU A 81 -13.52 -9.22 -3.71
N ASP A 82 -13.00 -9.82 -4.79
CA ASP A 82 -12.53 -9.07 -5.94
C ASP A 82 -13.60 -8.15 -6.53
N ASP A 83 -14.89 -8.47 -6.35
CA ASP A 83 -15.93 -7.55 -6.80
C ASP A 83 -16.44 -6.61 -5.73
N SER A 84 -15.88 -6.65 -4.52
CA SER A 84 -16.22 -5.62 -3.55
C SER A 84 -15.61 -4.29 -3.96
N GLU A 85 -16.10 -3.21 -3.34
CA GLU A 85 -15.68 -1.86 -3.73
C GLU A 85 -14.22 -1.61 -3.33
N VAL A 86 -13.82 -2.02 -2.12
CA VAL A 86 -12.41 -2.01 -1.75
C VAL A 86 -11.61 -2.95 -2.65
N GLY A 87 -12.18 -4.09 -3.00
CA GLY A 87 -11.46 -5.03 -3.85
C GLY A 87 -11.19 -4.47 -5.23
N LYS A 88 -12.24 -3.91 -5.87
CA LYS A 88 -12.07 -3.28 -7.18
C LYS A 88 -11.06 -2.15 -7.12
N ALA A 89 -11.05 -1.40 -6.01
CA ALA A 89 -10.08 -0.31 -5.88
C ALA A 89 -8.67 -0.85 -5.68
N GLY A 90 -8.54 -1.96 -4.96
CA GLY A 90 -7.23 -2.54 -4.74
C GLY A 90 -6.60 -3.09 -6.00
N HIS A 91 -7.42 -3.65 -6.89
CA HIS A 91 -6.86 -4.13 -8.16
C HIS A 91 -6.34 -2.99 -9.00
N ILE A 92 -7.01 -1.84 -8.97
CA ILE A 92 -6.53 -0.67 -9.69
C ILE A 92 -5.23 -0.16 -9.09
N MET A 93 -5.18 -0.09 -7.75
CA MET A 93 -3.98 0.43 -7.09
C MET A 93 -2.83 -0.53 -7.26
N ARG A 94 -3.12 -1.83 -7.23
CA ARG A 94 -2.08 -2.84 -7.38
C ARG A 94 -1.52 -2.83 -8.80
N ARG A 95 -2.38 -2.79 -9.80
CA ARG A 95 -1.88 -2.74 -11.17
C ARG A 95 -1.10 -1.45 -11.42
N PHE A 96 -1.56 -0.34 -10.85
CA PHE A 96 -0.80 0.90 -10.95
C PHE A 96 0.58 0.73 -10.34
N PHE A 97 0.67 0.11 -9.16
CA PHE A 97 1.95 0.03 -8.48
C PHE A 97 2.92 -0.86 -9.23
N GLU A 98 2.47 -2.04 -9.65
CA GLU A 98 3.37 -2.97 -10.33
C GLU A 98 3.91 -2.35 -11.60
N SER A 99 3.07 -1.64 -12.33
CA SER A 99 3.52 -1.12 -13.61
C SER A 99 4.46 0.06 -13.41
N ARG A 100 4.13 0.96 -12.49
CA ARG A 100 5.00 2.09 -12.22
C ARG A 100 6.33 1.65 -11.61
N TRP A 101 6.33 0.54 -10.89
CA TRP A 101 7.55 0.05 -10.28
C TRP A 101 8.47 -0.61 -11.30
N GLU A 102 7.91 -1.34 -12.27
CA GLU A 102 8.71 -1.96 -13.31
C GLU A 102 9.16 -0.94 -14.34
N GLU A 103 8.42 0.13 -14.50
CA GLU A 103 8.85 1.14 -15.49
C GLU A 103 10.19 1.73 -15.05
N PHE A 104 10.55 1.61 -13.79
CA PHE A 104 11.83 2.15 -13.27
C PHE A 104 12.96 1.12 -13.12
N TYR A 105 12.64 -0.08 -12.63
CA TYR A 105 13.59 -1.14 -12.37
C TYR A 105 13.48 -2.23 -13.42
#